data_7DLL
#
_entry.id   7DLL
#
_cell.length_a   69.915
_cell.length_b   82.171
_cell.length_c   92.192
_cell.angle_alpha   90.000
_cell.angle_beta   90.000
_cell.angle_gamma   90.000
#
_symmetry.space_group_name_H-M   'P 2 21 21'
#
loop_
_entity.id
_entity.type
_entity.pdbx_description
1 polymer '(S)-specific carbonyl reductase'
2 non-polymer 'NADPH DIHYDRO-NICOTINAMIDE-ADENINE-DINUCLEOTIDE PHOSPHATE'
3 water water
#
_entity_poly.entity_id   1
_entity_poly.type   'polypeptide(L)'
_entity_poly.pdbx_seq_one_letter_code
;SMGEIESYCNKELGPLPTKAPTLSKNVLDLFSLKGKVASVTGSSGGIGWAVAEAYAQAGADVAIWYNSHPADEKAEHLQK
TYGVRSKAYKCNISDPKSVEETISQQEKDFGTIDVFVANAGVPWTEGPEINVDNYDSWNKIINLDLNGVYYCAHTVGKIF
KKNGKGSLVITSSMSGTIVNVPQLQAAYNAAKAACTHLTKSLAVEWAPFARVNCVSPGYIATEISDFVEKDMKAKWWQLT
PLGREGLAQELVGAYLYLASNASTYTTGANLAVDGGYTCP
;
_entity_poly.pdbx_strand_id   A,B
#
loop_
_chem_comp.id
_chem_comp.type
_chem_comp.name
_chem_comp.formula
NDP non-polymer 'NADPH DIHYDRO-NICOTINAMIDE-ADENINE-DINUCLEOTIDE PHOSPHATE' 'C21 H30 N7 O17 P3'
#
# COMPACT_ATOMS: atom_id res chain seq x y z
N SER A 1 -29.45 20.21 -13.11
CA SER A 1 -28.81 18.94 -12.79
C SER A 1 -29.66 17.74 -13.23
N MET A 2 -30.89 17.99 -13.73
CA MET A 2 -31.65 16.90 -14.35
C MET A 2 -30.85 16.26 -15.47
N GLY A 3 -30.94 14.94 -15.56
CA GLY A 3 -30.16 14.21 -16.54
C GLY A 3 -28.70 14.08 -16.20
N GLU A 4 -28.34 14.30 -14.93
CA GLU A 4 -26.96 14.15 -14.49
C GLU A 4 -26.97 13.44 -13.15
N ILE A 5 -26.14 12.40 -13.02
CA ILE A 5 -25.89 11.78 -11.73
C ILE A 5 -24.83 12.62 -11.04
N GLU A 6 -25.21 13.33 -9.99
CA GLU A 6 -24.21 14.11 -9.27
C GLU A 6 -23.70 13.36 -8.05
N SER A 7 -22.44 13.61 -7.70
CA SER A 7 -21.80 12.89 -6.62
C SER A 7 -22.37 13.32 -5.28
N TYR A 8 -22.49 12.35 -4.38
CA TYR A 8 -22.81 12.66 -2.99
C TYR A 8 -21.59 13.15 -2.22
N CYS A 9 -20.39 12.88 -2.74
CA CYS A 9 -19.12 13.19 -2.10
C CYS A 9 -18.64 14.59 -2.45
N ASN A 10 -18.63 14.91 -3.74
CA ASN A 10 -18.03 16.14 -4.25
C ASN A 10 -18.64 16.42 -5.61
N LYS A 11 -19.56 17.38 -5.69
CA LYS A 11 -20.25 17.55 -6.98
C LYS A 11 -19.32 18.14 -8.04
N GLU A 12 -18.16 18.66 -7.66
CA GLU A 12 -17.18 19.15 -8.63
C GLU A 12 -16.55 18.04 -9.46
N LEU A 13 -16.88 16.78 -9.18
CA LEU A 13 -16.51 15.70 -10.09
C LEU A 13 -17.25 15.79 -11.42
N GLY A 14 -18.34 16.55 -11.47
CA GLY A 14 -19.15 16.64 -12.67
C GLY A 14 -20.07 15.45 -12.81
N PRO A 15 -20.73 15.34 -13.97
CA PRO A 15 -21.64 14.20 -14.21
C PRO A 15 -20.92 12.87 -14.07
N LEU A 16 -21.53 11.95 -13.29
CA LEU A 16 -20.95 10.65 -12.99
C LEU A 16 -21.37 9.63 -14.04
N PRO A 17 -20.51 8.66 -14.39
CA PRO A 17 -19.19 8.46 -13.79
C PRO A 17 -18.09 9.28 -14.46
N THR A 18 -17.05 9.61 -13.68
CA THR A 18 -15.83 10.14 -14.24
C THR A 18 -15.16 9.04 -15.05
N LYS A 19 -14.26 9.40 -15.96
CA LYS A 19 -13.76 8.29 -16.75
C LYS A 19 -12.37 7.93 -16.21
N ALA A 20 -11.97 6.71 -16.50
CA ALA A 20 -10.68 6.21 -16.05
C ALA A 20 -9.54 6.77 -16.92
N PRO A 21 -8.35 6.94 -16.37
CA PRO A 21 -7.23 7.42 -17.17
C PRO A 21 -6.72 6.33 -18.12
N THR A 22 -5.93 6.76 -19.09
CA THR A 22 -5.19 5.81 -19.92
C THR A 22 -3.88 5.46 -19.23
N LEU A 23 -3.53 4.18 -19.30
CA LEU A 23 -2.46 3.60 -18.51
C LEU A 23 -1.65 2.69 -19.42
N SER A 24 -0.33 2.75 -19.30
CA SER A 24 0.50 1.77 -19.99
C SER A 24 0.06 0.37 -19.61
N LYS A 25 0.07 -0.55 -20.57
CA LYS A 25 -0.32 -1.92 -20.28
C LYS A 25 0.79 -2.76 -19.67
N ASN A 26 1.99 -2.21 -19.50
CA ASN A 26 3.09 -2.91 -18.84
C ASN A 26 3.21 -2.36 -17.42
N VAL A 27 3.08 -3.26 -16.43
CA VAL A 27 3.01 -2.83 -15.03
C VAL A 27 4.26 -2.06 -14.64
N LEU A 28 5.42 -2.45 -15.18
CA LEU A 28 6.67 -1.77 -14.82
C LEU A 28 6.67 -0.32 -15.28
N ASP A 29 5.98 -0.01 -16.38
CA ASP A 29 5.91 1.37 -16.85
C ASP A 29 5.01 2.25 -15.98
N LEU A 30 4.08 1.65 -15.24
CA LEU A 30 3.20 2.42 -14.38
C LEU A 30 3.97 3.17 -13.30
N PHE A 31 5.07 2.60 -12.82
CA PHE A 31 5.86 3.16 -11.74
C PHE A 31 6.82 4.25 -12.18
N SER A 32 6.88 4.55 -13.48
CA SER A 32 7.82 5.56 -13.95
C SER A 32 7.33 6.96 -13.56
N LEU A 33 8.29 7.84 -13.24
CA LEU A 33 8.03 9.25 -12.99
C LEU A 33 8.70 10.14 -14.03
N LYS A 34 9.04 9.58 -15.19
CA LYS A 34 9.65 10.37 -16.26
C LYS A 34 8.69 11.48 -16.69
N GLY A 35 9.23 12.69 -16.79
CA GLY A 35 8.43 13.85 -17.16
C GLY A 35 7.64 14.47 -16.03
N LYS A 36 7.73 13.95 -14.82
CA LYS A 36 6.99 14.49 -13.69
C LYS A 36 7.94 15.22 -12.75
N VAL A 37 7.39 16.16 -11.99
CA VAL A 37 8.14 16.94 -11.02
C VAL A 37 7.67 16.54 -9.62
N ALA A 38 8.61 16.18 -8.75
CA ALA A 38 8.33 15.81 -7.39
C ALA A 38 8.89 16.86 -6.43
N SER A 39 8.18 17.08 -5.33
CA SER A 39 8.63 17.97 -4.26
C SER A 39 8.52 17.23 -2.94
N VAL A 40 9.65 17.12 -2.23
CA VAL A 40 9.77 16.28 -1.03
C VAL A 40 10.26 17.14 0.12
N THR A 41 9.40 17.43 1.09
CA THR A 41 9.83 18.16 2.28
C THR A 41 10.60 17.22 3.21
N GLY A 42 11.49 17.81 4.01
CA GLY A 42 12.29 17.02 4.92
C GLY A 42 13.25 16.08 4.22
N SER A 43 13.68 16.42 3.01
CA SER A 43 14.60 15.58 2.25
C SER A 43 16.06 15.90 2.55
N SER A 44 16.33 16.59 3.67
CA SER A 44 17.66 16.56 4.28
C SER A 44 17.85 15.32 5.14
N GLY A 45 16.76 14.85 5.77
CA GLY A 45 16.82 13.75 6.68
C GLY A 45 16.71 12.40 5.98
N GLY A 46 16.78 11.35 6.80
CA GLY A 46 16.86 9.99 6.31
C GLY A 46 15.76 9.56 5.35
N ILE A 47 14.51 9.62 5.80
CA ILE A 47 13.41 9.12 4.97
C ILE A 47 13.24 9.99 3.73
N GLY A 48 13.23 11.31 3.92
CA GLY A 48 12.98 12.20 2.79
C GLY A 48 14.04 12.11 1.72
N TRP A 49 15.31 12.03 2.13
CA TRP A 49 16.39 11.86 1.14
C TRP A 49 16.21 10.55 0.39
N ALA A 50 15.78 9.50 1.08
CA ALA A 50 15.60 8.20 0.43
C ALA A 50 14.54 8.27 -0.67
N VAL A 51 13.37 8.87 -0.36
CA VAL A 51 12.34 8.89 -1.40
C VAL A 51 12.74 9.85 -2.51
N ALA A 52 13.48 10.91 -2.17
CA ALA A 52 13.94 11.85 -3.19
C ALA A 52 14.83 11.16 -4.22
N GLU A 53 15.82 10.38 -3.76
CA GLU A 53 16.65 9.72 -4.76
C GLU A 53 15.92 8.57 -5.42
N ALA A 54 14.98 7.92 -4.72
CA ALA A 54 14.13 6.93 -5.38
C ALA A 54 13.30 7.57 -6.48
N TYR A 55 12.74 8.75 -6.22
CA TYR A 55 11.96 9.45 -7.24
C TYR A 55 12.84 9.84 -8.42
N ALA A 56 14.08 10.26 -8.15
CA ALA A 56 15.01 10.59 -9.22
C ALA A 56 15.38 9.36 -10.04
N GLN A 57 15.61 8.22 -9.37
CA GLN A 57 15.83 6.96 -10.08
C GLN A 57 14.63 6.61 -10.96
N ALA A 58 13.42 7.00 -10.57
CA ALA A 58 12.25 6.79 -11.41
C ALA A 58 12.14 7.80 -12.53
N GLY A 59 13.03 8.80 -12.57
CA GLY A 59 13.04 9.75 -13.67
C GLY A 59 12.37 11.08 -13.39
N ALA A 60 12.06 11.38 -12.13
CA ALA A 60 11.40 12.63 -11.76
C ALA A 60 12.41 13.72 -11.45
N ASP A 61 12.11 14.94 -11.88
CA ASP A 61 12.78 16.09 -11.31
C ASP A 61 12.36 16.24 -9.86
N VAL A 62 13.29 16.66 -9.00
CA VAL A 62 13.07 16.61 -7.56
C VAL A 62 13.50 17.92 -6.93
N ALA A 63 12.57 18.57 -6.22
CA ALA A 63 12.89 19.71 -5.38
C ALA A 63 13.15 19.21 -3.96
N ILE A 64 14.31 19.54 -3.42
CA ILE A 64 14.74 19.10 -2.09
C ILE A 64 14.54 20.24 -1.10
N TRP A 65 14.07 19.89 0.10
CA TRP A 65 13.78 20.86 1.15
C TRP A 65 14.73 20.67 2.32
N TYR A 66 15.20 21.77 2.90
CA TYR A 66 15.98 21.73 4.11
C TYR A 66 15.58 22.89 5.00
N ASN A 67 15.97 22.81 6.27
CA ASN A 67 15.71 23.91 7.19
C ASN A 67 17.01 24.36 7.84
N SER A 68 17.64 23.49 8.61
CA SER A 68 18.88 23.81 9.31
C SER A 68 20.11 23.11 8.74
N HIS A 69 19.94 22.17 7.82
CA HIS A 69 21.07 21.48 7.19
C HIS A 69 21.01 21.66 5.68
N PRO A 70 21.74 22.63 5.13
CA PRO A 70 21.67 22.87 3.67
C PRO A 70 22.02 21.62 2.88
N ALA A 71 21.18 21.31 1.88
CA ALA A 71 21.29 20.08 1.11
C ALA A 71 21.45 20.35 -0.38
N ASP A 72 22.16 21.41 -0.76
CA ASP A 72 22.33 21.75 -2.18
C ASP A 72 23.09 20.65 -2.94
N GLU A 73 24.21 20.23 -2.37
CA GLU A 73 25.01 19.07 -2.80
C GLU A 73 24.24 17.75 -2.87
N LYS A 74 23.14 17.60 -2.13
CA LYS A 74 22.25 16.48 -2.44
C LYS A 74 21.54 16.70 -3.77
N ALA A 75 21.09 17.93 -4.03
CA ALA A 75 20.40 18.24 -5.28
C ALA A 75 21.36 18.07 -6.46
N GLU A 76 22.56 18.63 -6.35
CA GLU A 76 23.69 18.31 -7.22
C GLU A 76 23.92 16.82 -7.40
N HIS A 77 23.83 16.02 -6.34
CA HIS A 77 24.04 14.58 -6.52
C HIS A 77 22.99 14.00 -7.45
N LEU A 78 21.73 14.44 -7.33
CA LEU A 78 20.67 13.90 -8.20
C LEU A 78 20.89 14.31 -9.64
N GLN A 79 21.28 15.56 -9.89
CA GLN A 79 21.54 16.01 -11.25
C GLN A 79 22.74 15.28 -11.84
N LYS A 80 23.84 15.21 -11.09
CA LYS A 80 25.06 14.59 -11.60
C LYS A 80 24.88 13.11 -11.88
N THR A 81 24.08 12.42 -11.06
CA THR A 81 24.01 10.96 -11.12
C THR A 81 22.87 10.46 -12.00
N TYR A 82 21.76 11.18 -12.06
CA TYR A 82 20.58 10.70 -12.77
C TYR A 82 20.15 11.60 -13.92
N GLY A 83 20.80 12.75 -14.12
CA GLY A 83 20.48 13.61 -15.23
C GLY A 83 19.15 14.30 -15.11
N VAL A 84 18.65 14.46 -13.89
CA VAL A 84 17.32 14.92 -13.70
C VAL A 84 17.52 16.35 -13.21
N ARG A 85 16.48 17.18 -13.24
CA ARG A 85 16.64 18.51 -12.68
C ARG A 85 16.33 18.46 -11.18
N SER A 86 17.17 19.13 -10.38
CA SER A 86 17.00 19.14 -8.95
C SER A 86 17.44 20.50 -8.40
N LYS A 87 16.91 20.84 -7.22
CA LYS A 87 17.34 22.06 -6.55
C LYS A 87 16.96 21.93 -5.08
N ALA A 88 17.74 22.59 -4.22
CA ALA A 88 17.49 22.64 -2.79
C ALA A 88 16.80 23.94 -2.41
N TYR A 89 15.91 23.86 -1.42
CA TYR A 89 15.13 25.00 -0.96
C TYR A 89 15.13 25.04 0.57
N LYS A 90 15.36 26.22 1.12
CA LYS A 90 15.36 26.43 2.57
C LYS A 90 13.99 26.97 2.99
N CYS A 91 13.41 26.35 4.02
CA CYS A 91 12.07 26.73 4.46
C CYS A 91 11.71 26.19 5.84
N ASN A 92 11.38 27.06 6.77
CA ASN A 92 10.77 26.65 8.04
C ASN A 92 9.30 26.38 7.78
N ILE A 93 8.92 25.09 7.81
CA ILE A 93 7.58 24.69 7.39
C ILE A 93 6.53 25.05 8.44
N SER A 94 6.94 25.32 9.68
CA SER A 94 6.02 25.82 10.70
C SER A 94 5.44 27.18 10.33
N ASP A 95 6.05 27.88 9.38
CA ASP A 95 5.65 29.22 9.01
C ASP A 95 4.82 29.14 7.73
N PRO A 96 3.51 29.41 7.77
CA PRO A 96 2.67 29.16 6.59
C PRO A 96 3.10 29.95 5.40
N LYS A 97 3.78 31.05 5.66
CA LYS A 97 4.04 31.99 4.60
C LYS A 97 5.29 31.56 3.84
N SER A 98 6.33 31.12 4.56
CA SER A 98 7.51 30.59 3.89
C SER A 98 7.18 29.39 3.03
N VAL A 99 6.30 28.52 3.51
CA VAL A 99 5.86 27.35 2.75
C VAL A 99 5.27 27.78 1.42
N GLU A 100 4.40 28.78 1.44
CA GLU A 100 3.74 29.20 0.22
C GLU A 100 4.73 29.88 -0.73
N GLU A 101 5.69 30.63 -0.20
CA GLU A 101 6.71 31.23 -1.06
C GLU A 101 7.59 30.16 -1.71
N THR A 102 7.95 29.12 -0.94
CA THR A 102 8.83 28.07 -1.48
C THR A 102 8.13 27.25 -2.57
N ILE A 103 6.86 26.90 -2.35
CA ILE A 103 6.14 26.10 -3.34
C ILE A 103 5.90 26.91 -4.61
N SER A 104 5.56 28.20 -4.47
CA SER A 104 5.42 29.05 -5.65
C SER A 104 6.74 29.17 -6.41
N GLN A 105 7.86 29.26 -5.68
CA GLN A 105 9.16 29.34 -6.33
C GLN A 105 9.48 28.06 -7.08
N GLN A 106 9.14 26.92 -6.48
CA GLN A 106 9.34 25.64 -7.16
C GLN A 106 8.48 25.53 -8.42
N GLU A 107 7.24 26.03 -8.37
CA GLU A 107 6.40 25.95 -9.57
C GLU A 107 7.03 26.71 -10.72
N LYS A 108 7.56 27.89 -10.42
CA LYS A 108 8.23 28.70 -11.42
C LYS A 108 9.51 28.04 -11.91
N ASP A 109 10.27 27.44 -10.99
CA ASP A 109 11.57 26.87 -11.36
C ASP A 109 11.41 25.62 -12.21
N PHE A 110 10.46 24.75 -11.85
CA PHE A 110 10.27 23.49 -12.57
C PHE A 110 9.12 23.52 -13.57
N GLY A 111 8.25 24.52 -13.51
CA GLY A 111 7.12 24.63 -14.40
C GLY A 111 5.82 24.15 -13.80
N THR A 112 5.88 23.15 -12.93
CA THR A 112 4.70 22.55 -12.30
C THR A 112 5.19 21.66 -11.16
N ILE A 113 4.23 21.10 -10.44
CA ILE A 113 4.49 20.06 -9.45
C ILE A 113 3.46 18.97 -9.66
N ASP A 114 3.93 17.76 -9.97
CA ASP A 114 3.08 16.60 -10.17
C ASP A 114 2.94 15.74 -8.92
N VAL A 115 3.96 15.70 -8.07
CA VAL A 115 3.98 14.87 -6.87
C VAL A 115 4.49 15.70 -5.71
N PHE A 116 3.83 15.61 -4.56
CA PHE A 116 4.27 16.30 -3.35
C PHE A 116 4.31 15.29 -2.20
N VAL A 117 5.43 15.29 -1.47
CA VAL A 117 5.59 14.45 -0.29
C VAL A 117 5.75 15.37 0.92
N ALA A 118 4.77 15.36 1.81
CA ALA A 118 4.80 16.18 3.02
C ALA A 118 5.39 15.31 4.12
N ASN A 119 6.68 15.51 4.40
CA ASN A 119 7.44 14.51 5.14
C ASN A 119 8.17 15.08 6.35
N ALA A 120 8.52 16.36 6.32
CA ALA A 120 9.29 16.94 7.41
C ALA A 120 8.52 16.89 8.72
N GLY A 121 9.24 16.61 9.81
CA GLY A 121 8.63 16.53 11.12
C GLY A 121 9.69 16.43 12.20
N VAL A 122 9.24 16.53 13.45
CA VAL A 122 10.10 16.41 14.63
C VAL A 122 9.42 15.49 15.62
N PRO A 123 10.17 14.78 16.46
CA PRO A 123 9.55 13.91 17.46
C PRO A 123 9.33 14.62 18.79
N TRP A 124 8.52 13.99 19.63
CA TRP A 124 8.41 14.36 21.03
C TRP A 124 9.40 13.48 21.81
N THR A 125 10.24 14.12 22.63
CA THR A 125 11.33 13.43 23.30
C THR A 125 11.29 13.59 24.81
N GLU A 126 10.14 13.99 25.37
CA GLU A 126 10.11 14.50 26.73
C GLU A 126 9.31 13.63 27.70
N GLY A 127 9.07 12.37 27.35
CA GLY A 127 8.39 11.46 28.24
C GLY A 127 6.93 11.82 28.44
N PRO A 128 6.35 11.35 29.55
CA PRO A 128 4.92 11.56 29.79
C PRO A 128 4.54 13.03 29.89
N GLU A 129 3.45 13.38 29.19
CA GLU A 129 3.00 14.78 29.09
C GLU A 129 2.70 15.40 30.45
N ILE A 130 2.32 14.58 31.43
CA ILE A 130 1.82 15.14 32.69
C ILE A 130 2.92 15.85 33.47
N ASN A 131 4.19 15.55 33.18
CA ASN A 131 5.31 16.22 33.83
C ASN A 131 5.87 17.37 33.01
N VAL A 132 5.26 17.69 31.87
CA VAL A 132 5.72 18.76 30.99
C VAL A 132 4.75 19.92 31.13
N ASP A 133 5.19 21.01 31.77
CA ASP A 133 4.22 21.98 32.27
C ASP A 133 3.90 23.11 31.31
N ASN A 134 4.83 23.63 30.52
CA ASN A 134 4.33 24.59 29.56
C ASN A 134 3.92 23.85 28.29
N TYR A 135 3.19 24.54 27.43
CA TYR A 135 2.61 23.92 26.26
C TYR A 135 3.46 24.10 25.01
N ASP A 136 4.72 24.52 25.16
CA ASP A 136 5.51 24.88 24.00
C ASP A 136 5.93 23.65 23.19
N SER A 137 6.24 22.54 23.85
CA SER A 137 6.58 21.34 23.10
C SER A 137 5.36 20.75 22.40
N TRP A 138 4.21 20.72 23.09
CA TRP A 138 2.97 20.35 22.43
C TRP A 138 2.74 21.20 21.19
N ASN A 139 2.89 22.53 21.34
CA ASN A 139 2.61 23.44 20.23
C ASN A 139 3.60 23.24 19.09
N LYS A 140 4.87 23.01 19.42
CA LYS A 140 5.89 22.78 18.40
C LYS A 140 5.61 21.50 17.61
N ILE A 141 5.06 20.47 18.25
CA ILE A 141 4.70 19.26 17.52
C ILE A 141 3.50 19.53 16.61
N ILE A 142 2.43 20.11 17.17
CA ILE A 142 1.25 20.40 16.36
C ILE A 142 1.60 21.34 15.21
N ASN A 143 2.42 22.35 15.47
CA ASN A 143 2.71 23.38 14.47
C ASN A 143 3.39 22.79 13.24
N LEU A 144 4.37 21.91 13.44
CA LEU A 144 5.07 21.35 12.29
C LEU A 144 4.46 20.03 11.82
N ASP A 145 4.19 19.11 12.74
CA ASP A 145 3.74 17.78 12.34
C ASP A 145 2.28 17.75 11.89
N LEU A 146 1.50 18.81 12.13
CA LEU A 146 0.13 18.84 11.64
C LEU A 146 -0.15 20.13 10.86
N ASN A 147 0.04 21.29 11.48
CA ASN A 147 -0.21 22.55 10.77
C ASN A 147 0.71 22.69 9.57
N GLY A 148 1.99 22.33 9.72
CA GLY A 148 2.91 22.43 8.61
C GLY A 148 2.53 21.54 7.45
N VAL A 149 2.04 20.33 7.74
CA VAL A 149 1.58 19.44 6.69
C VAL A 149 0.40 20.07 5.95
N TYR A 150 -0.49 20.76 6.67
CA TYR A 150 -1.65 21.35 6.03
C TYR A 150 -1.27 22.55 5.16
N TYR A 151 -0.34 23.39 5.65
CA TYR A 151 0.12 24.52 4.83
C TYR A 151 0.68 24.03 3.51
N CYS A 152 1.50 22.99 3.55
CA CYS A 152 2.01 22.41 2.31
C CYS A 152 0.88 21.84 1.46
N ALA A 153 -0.05 21.12 2.09
CA ALA A 153 -1.16 20.54 1.34
C ALA A 153 -2.02 21.63 0.72
N HIS A 154 -2.42 22.63 1.52
CA HIS A 154 -3.27 23.70 1.01
C HIS A 154 -2.62 24.41 -0.17
N THR A 155 -1.31 24.62 -0.11
CA THR A 155 -0.64 25.41 -1.14
C THR A 155 -0.49 24.61 -2.43
N VAL A 156 -0.06 23.34 -2.35
CA VAL A 156 0.17 22.57 -3.56
C VAL A 156 -1.14 22.10 -4.19
N GLY A 157 -2.22 21.97 -3.40
CA GLY A 157 -3.50 21.57 -3.97
C GLY A 157 -4.01 22.54 -5.02
N LYS A 158 -3.80 23.83 -4.80
CA LYS A 158 -4.11 24.85 -5.82
C LYS A 158 -3.29 24.66 -7.08
N ILE A 159 -2.07 24.16 -6.98
CA ILE A 159 -1.33 23.78 -8.20
C ILE A 159 -1.97 22.57 -8.85
N PHE A 160 -2.28 21.54 -8.04
CA PHE A 160 -2.92 20.33 -8.58
C PHE A 160 -4.25 20.68 -9.24
N LYS A 161 -5.04 21.56 -8.62
CA LYS A 161 -6.35 21.90 -9.14
C LYS A 161 -6.25 22.65 -10.46
N LYS A 162 -5.37 23.64 -10.51
CA LYS A 162 -5.14 24.40 -11.74
C LYS A 162 -4.80 23.48 -12.91
N ASN A 163 -4.00 22.44 -12.65
CA ASN A 163 -3.56 21.55 -13.72
C ASN A 163 -4.42 20.29 -13.85
N GLY A 164 -5.34 20.05 -12.91
CA GLY A 164 -6.22 18.90 -13.00
C GLY A 164 -5.57 17.56 -12.73
N LYS A 165 -4.39 17.54 -12.12
CA LYS A 165 -3.71 16.28 -11.86
C LYS A 165 -2.73 16.49 -10.72
N GLY A 166 -2.41 15.40 -10.03
CA GLY A 166 -1.46 15.47 -8.94
C GLY A 166 -1.61 14.30 -7.99
N SER A 167 -0.55 14.09 -7.21
CA SER A 167 -0.52 13.04 -6.19
C SER A 167 0.18 13.62 -4.96
N LEU A 168 -0.51 13.59 -3.81
CA LEU A 168 0.03 14.17 -2.59
C LEU A 168 0.36 12.93 -1.74
N VAL A 169 1.57 12.83 -1.19
CA VAL A 169 1.86 11.76 -0.25
C VAL A 169 2.28 12.36 1.08
N ILE A 170 1.59 11.97 2.14
CA ILE A 170 1.87 12.47 3.49
C ILE A 170 2.60 11.39 4.27
N THR A 171 3.72 11.75 4.89
CA THR A 171 4.37 10.81 5.80
C THR A 171 3.69 10.90 7.15
N SER A 172 2.90 9.89 7.47
CA SER A 172 2.27 9.82 8.78
C SER A 172 3.19 9.03 9.71
N SER A 173 2.65 8.05 10.41
CA SER A 173 3.43 7.18 11.29
C SER A 173 2.51 6.12 11.85
N MET A 174 3.09 4.99 12.23
CA MET A 174 2.30 4.01 12.96
C MET A 174 1.79 4.61 14.26
N SER A 175 2.43 5.67 14.75
CA SER A 175 1.95 6.43 15.90
C SER A 175 0.60 7.09 15.67
N GLY A 176 0.14 7.20 14.41
CA GLY A 176 -1.21 7.65 14.16
C GLY A 176 -2.26 6.58 14.35
N THR A 177 -1.84 5.31 14.37
CA THR A 177 -2.71 4.16 14.56
C THR A 177 -2.58 3.53 15.94
N ILE A 178 -1.38 3.49 16.50
CA ILE A 178 -1.13 2.91 17.82
C ILE A 178 -0.53 3.93 18.76
N VAL A 179 -0.32 3.53 20.00
CA VAL A 179 0.36 4.33 21.01
C VAL A 179 1.73 3.72 21.25
N ASN A 180 2.78 4.51 21.03
CA ASN A 180 4.14 4.00 21.22
C ASN A 180 4.43 3.77 22.70
N VAL A 181 5.14 2.69 22.99
CA VAL A 181 5.60 2.35 24.34
C VAL A 181 7.00 1.75 24.26
N PRO A 182 7.81 1.93 25.31
CA PRO A 182 7.56 2.63 26.58
C PRO A 182 7.75 4.15 26.50
N GLN A 183 8.28 4.66 25.40
CA GLN A 183 8.46 6.11 25.27
C GLN A 183 7.10 6.72 24.97
N LEU A 184 6.58 7.51 25.90
CA LEU A 184 5.24 8.05 25.78
C LEU A 184 5.27 9.37 25.02
N GLN A 185 4.37 9.52 24.05
CA GLN A 185 4.49 10.52 22.98
C GLN A 185 3.14 11.09 22.59
N ALA A 186 2.27 11.39 23.56
CA ALA A 186 0.89 11.73 23.26
C ALA A 186 0.76 12.78 22.16
N ALA A 187 1.55 13.85 22.25
CA ALA A 187 1.44 14.95 21.29
C ALA A 187 1.76 14.49 19.88
N TYR A 188 2.80 13.65 19.73
CA TYR A 188 3.18 13.16 18.42
C TYR A 188 2.14 12.18 17.88
N ASN A 189 1.66 11.28 18.74
CA ASN A 189 0.61 10.35 18.32
C ASN A 189 -0.63 11.10 17.81
N ALA A 190 -1.00 12.18 18.48
CA ALA A 190 -2.20 12.93 18.08
C ALA A 190 -1.99 13.67 16.77
N ALA A 191 -0.83 14.30 16.59
CA ALA A 191 -0.53 14.96 15.32
C ALA A 191 -0.55 13.97 14.17
N LYS A 192 -0.01 12.76 14.38
CA LYS A 192 0.07 11.80 13.28
C LYS A 192 -1.30 11.24 12.92
N ALA A 193 -2.15 10.99 13.92
CA ALA A 193 -3.52 10.56 13.62
C ALA A 193 -4.27 11.63 12.86
N ALA A 194 -4.04 12.89 13.21
CA ALA A 194 -4.59 13.99 12.42
C ALA A 194 -4.12 13.90 10.97
N CYS A 195 -2.84 13.60 10.76
CA CYS A 195 -2.30 13.50 9.41
C CYS A 195 -2.98 12.39 8.61
N THR A 196 -3.16 11.22 9.24
CA THR A 196 -3.77 10.10 8.53
C THR A 196 -5.19 10.44 8.08
N HIS A 197 -5.95 11.13 8.93
CA HIS A 197 -7.34 11.39 8.60
C HIS A 197 -7.52 12.68 7.81
N LEU A 198 -6.54 13.59 7.88
CA LEU A 198 -6.46 14.67 6.89
C LEU A 198 -6.22 14.10 5.50
N THR A 199 -5.41 13.05 5.39
CA THR A 199 -5.25 12.35 4.13
C THR A 199 -6.60 11.92 3.55
N LYS A 200 -7.44 11.27 4.37
CA LYS A 200 -8.73 10.82 3.90
C LYS A 200 -9.65 11.98 3.58
N SER A 201 -9.58 13.05 4.38
CA SER A 201 -10.42 14.22 4.15
C SER A 201 -10.02 14.91 2.85
N LEU A 202 -8.72 15.12 2.64
CA LEU A 202 -8.30 15.76 1.40
C LEU A 202 -8.51 14.86 0.19
N ALA A 203 -8.47 13.54 0.37
CA ALA A 203 -8.76 12.64 -0.75
C ALA A 203 -10.17 12.88 -1.27
N VAL A 204 -11.13 13.13 -0.37
CA VAL A 204 -12.49 13.40 -0.80
C VAL A 204 -12.59 14.77 -1.46
N GLU A 205 -11.97 15.79 -0.84
CA GLU A 205 -12.13 17.15 -1.36
C GLU A 205 -11.38 17.36 -2.67
N TRP A 206 -10.23 16.70 -2.84
CA TRP A 206 -9.39 16.90 -4.02
C TRP A 206 -9.69 15.92 -5.13
N ALA A 207 -10.61 15.01 -4.91
CA ALA A 207 -10.95 13.92 -5.82
C ALA A 207 -11.02 14.34 -7.29
N PRO A 208 -11.64 15.48 -7.66
CA PRO A 208 -11.72 15.84 -9.09
C PRO A 208 -10.38 16.14 -9.73
N PHE A 209 -9.32 16.37 -8.97
CA PHE A 209 -8.05 16.77 -9.59
C PHE A 209 -6.80 16.15 -8.98
N ALA A 210 -6.87 15.39 -7.89
CA ALA A 210 -5.66 14.79 -7.33
C ALA A 210 -6.04 13.60 -6.46
N ARG A 211 -5.04 12.75 -6.22
CA ARG A 211 -5.12 11.69 -5.25
C ARG A 211 -4.31 12.08 -4.02
N VAL A 212 -4.77 11.65 -2.85
CA VAL A 212 -4.08 11.94 -1.59
C VAL A 212 -3.97 10.64 -0.81
N ASN A 213 -2.75 10.29 -0.43
CA ASN A 213 -2.49 9.06 0.30
C ASN A 213 -1.39 9.33 1.32
N CYS A 214 -1.15 8.34 2.18
CA CYS A 214 -0.19 8.50 3.24
C CYS A 214 0.48 7.16 3.56
N VAL A 215 1.75 7.24 3.93
CA VAL A 215 2.55 6.11 4.38
C VAL A 215 2.74 6.24 5.88
N SER A 216 2.50 5.15 6.61
CA SER A 216 2.72 5.13 8.06
C SER A 216 3.87 4.20 8.40
N PRO A 217 5.12 4.68 8.34
CA PRO A 217 6.26 3.81 8.63
C PRO A 217 6.33 3.46 10.10
N GLY A 218 6.95 2.32 10.39
CA GLY A 218 7.23 1.95 11.75
C GLY A 218 8.54 2.55 12.23
N TYR A 219 9.30 1.80 13.03
CA TYR A 219 10.62 2.25 13.46
C TYR A 219 11.63 2.04 12.34
N ILE A 220 12.22 3.13 11.87
CA ILE A 220 13.16 3.08 10.76
C ILE A 220 14.52 3.51 11.26
N ALA A 221 15.51 2.63 11.07
CA ALA A 221 16.91 3.00 11.30
C ALA A 221 17.23 4.26 10.51
N THR A 222 17.52 5.32 11.25
CA THR A 222 17.35 6.73 10.87
C THR A 222 16.98 7.47 12.15
N VAL A 228 19.85 6.00 20.71
CA VAL A 228 18.76 5.44 21.46
C VAL A 228 19.28 4.37 22.45
N GLU A 229 19.14 4.61 23.78
CA GLU A 229 19.20 3.53 24.79
C GLU A 229 18.78 2.13 24.32
N LYS A 230 19.58 1.17 24.78
CA LYS A 230 19.53 -0.23 24.33
C LYS A 230 18.25 -0.92 24.77
N ASP A 231 17.98 -0.90 26.09
CA ASP A 231 16.80 -1.55 26.66
C ASP A 231 15.50 -1.09 25.99
N MET A 232 15.45 0.15 25.51
CA MET A 232 14.25 0.62 24.82
C MET A 232 14.12 0.01 23.43
N LYS A 233 15.16 0.12 22.60
CA LYS A 233 15.13 -0.51 21.29
C LYS A 233 14.81 -1.99 21.39
N ALA A 234 15.34 -2.65 22.42
CA ALA A 234 15.14 -4.08 22.58
C ALA A 234 13.66 -4.41 22.75
N LYS A 235 12.92 -3.54 23.45
CA LYS A 235 11.48 -3.74 23.58
C LYS A 235 10.75 -3.46 22.27
N TRP A 236 11.23 -2.49 21.49
CA TRP A 236 10.70 -2.33 20.14
C TRP A 236 10.84 -3.61 19.35
N TRP A 237 12.07 -4.16 19.29
CA TRP A 237 12.30 -5.38 18.51
C TRP A 237 11.39 -6.50 18.98
N GLN A 238 11.16 -6.61 20.29
CA GLN A 238 10.36 -7.71 20.82
C GLN A 238 8.90 -7.60 20.41
N LEU A 239 8.40 -6.38 20.19
CA LEU A 239 7.00 -6.13 19.89
C LEU A 239 6.71 -6.09 18.40
N THR A 240 7.76 -6.12 17.55
CA THR A 240 7.60 -6.04 16.10
C THR A 240 7.69 -7.43 15.49
N PRO A 241 6.67 -7.86 14.74
CA PRO A 241 6.69 -9.23 14.22
C PRO A 241 7.88 -9.58 13.36
N LEU A 242 8.39 -8.66 12.52
CA LEU A 242 9.56 -9.00 11.72
C LEU A 242 10.84 -9.03 12.55
N GLY A 243 10.79 -8.56 13.79
CA GLY A 243 11.90 -8.73 14.71
C GLY A 243 13.03 -7.73 14.58
N ARG A 244 12.82 -6.60 13.92
CA ARG A 244 13.88 -5.65 13.67
C ARG A 244 13.28 -4.30 13.30
N GLU A 245 14.13 -3.28 13.31
CA GLU A 245 13.77 -1.99 12.76
C GLU A 245 13.86 -2.03 11.23
N GLY A 246 13.21 -1.08 10.61
CA GLY A 246 13.24 -1.00 9.16
C GLY A 246 14.38 -0.14 8.65
N LEU A 247 14.68 -0.30 7.36
CA LEU A 247 15.63 0.56 6.67
C LEU A 247 14.88 1.53 5.77
N ALA A 248 15.47 2.72 5.58
CA ALA A 248 14.82 3.72 4.75
C ALA A 248 14.56 3.21 3.35
N GLN A 249 15.47 2.37 2.82
CA GLN A 249 15.29 1.80 1.50
C GLN A 249 14.05 0.90 1.42
N GLU A 250 13.58 0.41 2.55
CA GLU A 250 12.37 -0.42 2.57
C GLU A 250 11.09 0.40 2.48
N LEU A 251 11.19 1.73 2.50
CA LEU A 251 10.03 2.61 2.37
C LEU A 251 9.81 3.13 0.97
N VAL A 252 10.85 3.19 0.13
CA VAL A 252 10.77 3.95 -1.10
C VAL A 252 9.78 3.32 -2.07
N GLY A 253 9.63 1.99 -2.02
CA GLY A 253 8.66 1.33 -2.89
C GLY A 253 7.24 1.78 -2.62
N ALA A 254 6.91 2.04 -1.35
CA ALA A 254 5.56 2.51 -1.03
C ALA A 254 5.34 3.93 -1.53
N TYR A 255 6.35 4.80 -1.39
CA TYR A 255 6.21 6.18 -1.85
C TYR A 255 6.14 6.24 -3.37
N LEU A 256 6.94 5.42 -4.05
CA LEU A 256 6.89 5.42 -5.51
C LEU A 256 5.57 4.83 -6.01
N TYR A 257 5.06 3.80 -5.34
CA TYR A 257 3.75 3.25 -5.71
C TYR A 257 2.68 4.33 -5.64
N LEU A 258 2.66 5.12 -4.56
CA LEU A 258 1.62 6.13 -4.41
C LEU A 258 1.86 7.32 -5.33
N ALA A 259 3.12 7.68 -5.58
CA ALA A 259 3.41 8.85 -6.41
C ALA A 259 3.09 8.62 -7.88
N SER A 260 3.13 7.38 -8.34
CA SER A 260 3.12 7.06 -9.76
C SER A 260 1.73 6.62 -10.22
N ASN A 261 1.63 6.35 -11.53
CA ASN A 261 0.41 5.83 -12.14
C ASN A 261 0.12 4.38 -11.74
N ALA A 262 0.94 3.79 -10.87
CA ALA A 262 0.64 2.45 -10.37
C ALA A 262 -0.58 2.45 -9.45
N SER A 263 -0.99 3.61 -8.95
CA SER A 263 -2.02 3.70 -7.92
C SER A 263 -3.12 4.69 -8.31
N THR A 264 -3.53 4.71 -9.59
CA THR A 264 -4.51 5.70 -10.01
C THR A 264 -5.91 5.47 -9.43
N TYR A 265 -6.19 4.30 -8.87
CA TYR A 265 -7.45 4.09 -8.16
C TYR A 265 -7.27 4.12 -6.65
N THR A 266 -6.08 4.43 -6.18
CA THR A 266 -5.76 4.46 -4.76
C THR A 266 -5.81 5.91 -4.28
N THR A 267 -6.73 6.21 -3.38
CA THR A 267 -6.75 7.51 -2.74
C THR A 267 -7.38 7.36 -1.36
N GLY A 268 -6.91 8.18 -0.41
CA GLY A 268 -7.35 8.05 0.96
C GLY A 268 -6.79 6.85 1.69
N ALA A 269 -5.80 6.17 1.14
CA ALA A 269 -5.28 4.96 1.75
C ALA A 269 -4.12 5.27 2.68
N ASN A 270 -4.00 4.47 3.73
CA ASN A 270 -2.86 4.47 4.64
C ASN A 270 -2.08 3.19 4.40
N LEU A 271 -0.84 3.33 3.90
CA LEU A 271 0.04 2.18 3.71
C LEU A 271 0.94 2.03 4.93
N ALA A 272 0.65 1.02 5.75
CA ALA A 272 1.47 0.73 6.91
C ALA A 272 2.73 -0.02 6.45
N VAL A 273 3.89 0.56 6.75
CA VAL A 273 5.17 -0.10 6.52
C VAL A 273 5.90 -0.16 7.86
N ASP A 274 5.54 -1.14 8.68
CA ASP A 274 5.95 -1.09 10.08
C ASP A 274 6.45 -2.44 10.59
N GLY A 275 6.85 -3.34 9.69
CA GLY A 275 7.25 -4.66 10.13
C GLY A 275 6.17 -5.42 10.86
N GLY A 276 4.91 -5.04 10.66
CA GLY A 276 3.79 -5.68 11.31
C GLY A 276 3.47 -5.17 12.70
N TYR A 277 4.02 -4.03 13.11
CA TYR A 277 3.90 -3.61 14.50
C TYR A 277 2.45 -3.31 14.87
N THR A 278 1.64 -2.85 13.92
CA THR A 278 0.25 -2.53 14.24
C THR A 278 -0.62 -3.77 14.44
N CYS A 279 -0.10 -4.97 14.19
CA CYS A 279 -0.91 -6.18 14.26
C CYS A 279 -1.03 -6.73 15.69
N PRO A 280 0.08 -6.90 16.45
CA PRO A 280 -0.11 -7.42 17.81
C PRO A 280 -0.89 -6.46 18.71
N SER B 1 18.82 -19.34 26.32
CA SER B 1 17.84 -18.30 26.62
C SER B 1 18.54 -17.05 27.13
N MET B 2 19.35 -17.22 28.16
CA MET B 2 20.13 -16.10 28.71
C MET B 2 21.08 -15.56 27.64
N GLY B 3 21.28 -14.25 27.65
CA GLY B 3 22.11 -13.63 26.65
C GLY B 3 21.47 -13.50 25.28
N GLU B 4 20.16 -13.58 25.20
CA GLU B 4 19.44 -13.44 23.94
C GLU B 4 18.18 -12.62 24.17
N ILE B 5 17.89 -11.70 23.25
CA ILE B 5 16.63 -10.97 23.28
C ILE B 5 15.60 -11.83 22.54
N GLU B 6 14.59 -12.30 23.29
CA GLU B 6 13.57 -13.18 22.75
C GLU B 6 12.32 -12.39 22.38
N SER B 7 11.74 -12.72 21.23
CA SER B 7 10.58 -11.98 20.76
C SER B 7 9.36 -12.29 21.63
N TYR B 8 8.52 -11.27 21.84
CA TYR B 8 7.20 -11.47 22.42
C TYR B 8 6.17 -11.93 21.40
N CYS B 9 6.45 -11.75 20.11
CA CYS B 9 5.52 -12.14 19.06
C CYS B 9 5.68 -13.59 18.64
N ASN B 10 6.92 -14.04 18.47
CA ASN B 10 7.18 -15.31 17.82
C ASN B 10 8.63 -15.70 18.05
N LYS B 11 8.86 -16.66 18.96
CA LYS B 11 10.21 -17.06 19.34
C LYS B 11 10.94 -17.78 18.21
N GLU B 12 10.22 -18.27 17.19
CA GLU B 12 10.91 -18.80 16.01
C GLU B 12 11.81 -17.77 15.34
N LEU B 13 11.69 -16.49 15.68
CA LEU B 13 12.51 -15.47 15.03
C LEU B 13 13.97 -15.60 15.41
N GLY B 14 14.28 -16.24 16.53
CA GLY B 14 15.63 -16.33 17.00
C GLY B 14 16.01 -15.09 17.78
N PRO B 15 17.31 -14.96 18.10
CA PRO B 15 17.76 -13.81 18.90
C PRO B 15 17.61 -12.51 18.12
N LEU B 16 17.02 -11.51 18.77
CA LEU B 16 16.73 -10.23 18.15
C LEU B 16 17.93 -9.27 18.31
N PRO B 17 18.13 -8.35 17.36
CA PRO B 17 17.27 -8.16 16.19
C PRO B 17 17.60 -9.10 15.05
N THR B 18 16.62 -9.32 14.17
CA THR B 18 16.82 -10.08 12.95
C THR B 18 17.57 -9.23 11.93
N LYS B 19 18.06 -9.90 10.88
CA LYS B 19 18.91 -9.26 9.89
C LYS B 19 18.07 -8.66 8.77
N ALA B 20 18.37 -7.40 8.44
CA ALA B 20 17.73 -6.76 7.30
C ALA B 20 18.13 -7.47 6.00
N PRO B 21 17.22 -7.52 5.03
CA PRO B 21 17.58 -8.13 3.75
C PRO B 21 18.52 -7.24 2.95
N THR B 22 19.17 -7.85 1.96
CA THR B 22 19.99 -7.11 1.01
C THR B 22 19.13 -6.71 -0.16
N LEU B 23 19.05 -5.41 -0.43
CA LEU B 23 18.16 -4.87 -1.45
C LEU B 23 18.97 -4.10 -2.48
N SER B 24 18.48 -4.09 -3.72
CA SER B 24 19.09 -3.28 -4.75
C SER B 24 18.98 -1.81 -4.38
N LYS B 25 19.98 -1.03 -4.79
CA LYS B 25 19.99 0.39 -4.49
C LYS B 25 19.13 1.20 -5.46
N ASN B 26 18.67 0.60 -6.55
CA ASN B 26 17.76 1.24 -7.49
C ASN B 26 16.32 0.78 -7.20
N VAL B 27 15.43 1.74 -6.95
CA VAL B 27 14.06 1.43 -6.55
C VAL B 27 13.34 0.59 -7.60
N LEU B 28 13.67 0.79 -8.88
CA LEU B 28 12.95 0.08 -9.93
C LEU B 28 13.25 -1.42 -9.90
N ASP B 29 14.50 -1.77 -9.61
CA ASP B 29 14.87 -3.18 -9.53
C ASP B 29 14.21 -3.90 -8.35
N LEU B 30 13.75 -3.16 -7.33
CA LEU B 30 13.08 -3.80 -6.21
C LEU B 30 11.77 -4.46 -6.62
N PHE B 31 11.14 -3.96 -7.69
CA PHE B 31 9.86 -4.49 -8.13
C PHE B 31 9.99 -5.68 -9.07
N SER B 32 11.20 -6.04 -9.48
CA SER B 32 11.38 -7.14 -10.39
C SER B 32 11.02 -8.47 -9.72
N LEU B 33 10.46 -9.39 -10.52
CA LEU B 33 10.19 -10.74 -10.06
C LEU B 33 11.02 -11.77 -10.81
N LYS B 34 12.09 -11.32 -11.48
CA LYS B 34 12.94 -12.25 -12.23
C LYS B 34 13.51 -13.31 -11.30
N GLY B 35 13.49 -14.55 -11.77
CA GLY B 35 13.93 -15.67 -10.97
C GLY B 35 12.96 -16.13 -9.90
N LYS B 36 11.74 -15.61 -9.88
CA LYS B 36 10.76 -15.96 -8.86
C LYS B 36 9.56 -16.65 -9.49
N VAL B 37 8.94 -17.53 -8.72
CA VAL B 37 7.76 -18.29 -9.15
C VAL B 37 6.56 -17.77 -8.40
N ALA B 38 5.50 -17.45 -9.14
CA ALA B 38 4.28 -16.90 -8.57
C ALA B 38 3.10 -17.82 -8.88
N SER B 39 2.20 -17.95 -7.91
CA SER B 39 1.00 -18.77 -8.04
C SER B 39 -0.20 -17.91 -7.71
N VAL B 40 -1.15 -17.80 -8.63
CA VAL B 40 -2.27 -16.87 -8.49
C VAL B 40 -3.57 -17.66 -8.65
N THR B 41 -4.33 -17.75 -7.56
CA THR B 41 -5.60 -18.47 -7.66
C THR B 41 -6.67 -17.57 -8.28
N GLY B 42 -7.69 -18.19 -8.85
CA GLY B 42 -8.72 -17.43 -9.53
C GLY B 42 -8.18 -16.60 -10.68
N SER B 43 -7.09 -17.05 -11.30
CA SER B 43 -6.45 -16.30 -12.37
C SER B 43 -7.03 -16.61 -13.75
N SER B 44 -8.16 -17.34 -13.80
CA SER B 44 -8.99 -17.31 -14.99
C SER B 44 -9.95 -16.13 -14.97
N GLY B 45 -10.10 -15.46 -13.82
CA GLY B 45 -11.01 -14.34 -13.70
C GLY B 45 -10.33 -13.01 -13.94
N GLY B 46 -11.13 -11.94 -13.87
CA GLY B 46 -10.66 -10.60 -14.17
C GLY B 46 -9.44 -10.15 -13.38
N ILE B 47 -9.60 -9.99 -12.07
CA ILE B 47 -8.51 -9.45 -11.25
C ILE B 47 -7.32 -10.40 -11.24
N GLY B 48 -7.58 -11.70 -11.09
CA GLY B 48 -6.47 -12.65 -10.99
C GLY B 48 -5.67 -12.78 -12.27
N TRP B 49 -6.33 -12.67 -13.42
CA TRP B 49 -5.59 -12.71 -14.68
C TRP B 49 -4.75 -11.46 -14.87
N ALA B 50 -5.28 -10.30 -14.49
CA ALA B 50 -4.51 -9.06 -14.56
C ALA B 50 -3.25 -9.15 -13.70
N VAL B 51 -3.38 -9.68 -12.49
CA VAL B 51 -2.22 -9.84 -11.61
C VAL B 51 -1.24 -10.86 -12.19
N ALA B 52 -1.76 -11.99 -12.69
CA ALA B 52 -0.89 -13.01 -13.27
C ALA B 52 -0.05 -12.45 -14.41
N GLU B 53 -0.69 -11.70 -15.32
CA GLU B 53 0.05 -11.12 -16.45
C GLU B 53 1.05 -10.06 -15.98
N ALA B 54 0.66 -9.25 -14.99
CA ALA B 54 1.58 -8.27 -14.45
C ALA B 54 2.82 -8.94 -13.84
N TYR B 55 2.62 -10.03 -13.10
CA TYR B 55 3.76 -10.75 -12.56
C TYR B 55 4.66 -11.29 -13.67
N ALA B 56 4.05 -11.82 -14.73
CA ALA B 56 4.83 -12.25 -15.89
C ALA B 56 5.62 -11.09 -16.48
N GLN B 57 4.98 -9.92 -16.59
CA GLN B 57 5.68 -8.73 -17.08
C GLN B 57 6.83 -8.35 -16.16
N ALA B 58 6.66 -8.58 -14.85
CA ALA B 58 7.74 -8.35 -13.90
C ALA B 58 8.81 -9.43 -13.94
N GLY B 59 8.60 -10.50 -14.70
CA GLY B 59 9.59 -11.54 -14.90
C GLY B 59 9.33 -12.85 -14.19
N ALA B 60 8.16 -13.04 -13.58
CA ALA B 60 7.89 -14.22 -12.78
C ALA B 60 7.33 -15.36 -13.63
N ASP B 61 7.67 -16.59 -13.22
CA ASP B 61 6.92 -17.76 -13.67
C ASP B 61 5.58 -17.77 -12.95
N VAL B 62 4.51 -18.09 -13.68
CA VAL B 62 3.16 -17.90 -13.16
C VAL B 62 2.37 -19.20 -13.28
N ALA B 63 1.92 -19.72 -12.14
CA ALA B 63 0.99 -20.84 -12.11
C ALA B 63 -0.44 -20.30 -12.07
N ILE B 64 -1.24 -20.70 -13.05
CA ILE B 64 -2.60 -20.19 -13.22
C ILE B 64 -3.59 -21.22 -12.68
N TRP B 65 -4.57 -20.75 -11.92
CA TRP B 65 -5.62 -21.60 -11.36
C TRP B 65 -6.94 -21.29 -12.06
N TYR B 66 -7.74 -22.33 -12.28
CA TYR B 66 -9.10 -22.14 -12.75
C TYR B 66 -9.98 -23.22 -12.14
N ASN B 67 -11.29 -23.02 -12.28
CA ASN B 67 -12.27 -24.01 -11.83
C ASN B 67 -13.18 -24.43 -12.97
N SER B 68 -14.12 -23.57 -13.38
CA SER B 68 -15.06 -23.91 -14.44
C SER B 68 -14.64 -23.42 -15.81
N HIS B 69 -13.78 -22.40 -15.89
CA HIS B 69 -13.39 -21.82 -17.18
C HIS B 69 -11.92 -22.14 -17.45
N PRO B 70 -11.61 -23.12 -18.29
CA PRO B 70 -10.21 -23.51 -18.51
C PRO B 70 -9.38 -22.34 -18.99
N ALA B 71 -8.17 -22.21 -18.44
CA ALA B 71 -7.30 -21.08 -18.70
C ALA B 71 -5.96 -21.51 -19.28
N ASP B 72 -5.93 -22.62 -20.02
CA ASP B 72 -4.68 -23.07 -20.62
C ASP B 72 -4.21 -22.09 -21.70
N GLU B 73 -5.13 -21.43 -22.39
CA GLU B 73 -4.73 -20.42 -23.37
C GLU B 73 -4.11 -19.19 -22.70
N LYS B 74 -4.52 -18.91 -21.45
CA LYS B 74 -3.88 -17.82 -20.71
C LYS B 74 -2.46 -18.17 -20.35
N ALA B 75 -2.20 -19.44 -20.01
CA ALA B 75 -0.84 -19.87 -19.68
C ALA B 75 0.05 -19.83 -20.92
N GLU B 76 -0.45 -20.27 -22.08
CA GLU B 76 0.38 -20.19 -23.28
C GLU B 76 0.72 -18.75 -23.61
N HIS B 77 -0.20 -17.82 -23.33
CA HIS B 77 0.02 -16.43 -23.71
C HIS B 77 1.10 -15.79 -22.86
N LEU B 78 1.18 -16.15 -21.58
CA LEU B 78 2.28 -15.68 -20.76
C LEU B 78 3.60 -16.27 -21.25
N GLN B 79 3.61 -17.55 -21.62
CA GLN B 79 4.81 -18.17 -22.16
C GLN B 79 5.21 -17.55 -23.49
N LYS B 80 4.25 -17.39 -24.38
CA LYS B 80 4.54 -16.89 -25.72
C LYS B 80 5.03 -15.44 -25.71
N THR B 81 4.39 -14.58 -24.90
CA THR B 81 4.62 -13.15 -24.90
C THR B 81 5.79 -12.70 -24.02
N TYR B 82 5.96 -13.32 -22.85
CA TYR B 82 6.97 -12.88 -21.89
C TYR B 82 8.09 -13.88 -21.67
N GLY B 83 8.05 -15.03 -22.33
CA GLY B 83 9.15 -15.99 -22.22
C GLY B 83 9.33 -16.55 -20.82
N VAL B 84 8.27 -16.62 -20.04
CA VAL B 84 8.32 -17.22 -18.72
C VAL B 84 7.67 -18.59 -18.79
N ARG B 85 7.94 -19.42 -17.78
CA ARG B 85 7.24 -20.68 -17.64
C ARG B 85 5.85 -20.43 -17.05
N SER B 86 4.85 -21.12 -17.59
CA SER B 86 3.50 -20.98 -17.07
C SER B 86 2.70 -22.23 -17.38
N LYS B 87 1.83 -22.61 -16.45
CA LYS B 87 0.91 -23.72 -16.61
C LYS B 87 -0.36 -23.41 -15.84
N ALA B 88 -1.48 -23.91 -16.35
CA ALA B 88 -2.77 -23.71 -15.71
C ALA B 88 -3.21 -24.98 -15.00
N TYR B 89 -3.89 -24.81 -13.87
CA TYR B 89 -4.27 -25.91 -13.01
C TYR B 89 -5.75 -25.81 -12.67
N LYS B 90 -6.44 -26.95 -12.73
CA LYS B 90 -7.85 -27.02 -12.37
C LYS B 90 -7.98 -27.43 -10.91
N CYS B 91 -8.73 -26.65 -10.14
CA CYS B 91 -8.90 -26.95 -8.72
C CYS B 91 -10.16 -26.29 -8.20
N ASN B 92 -10.95 -27.05 -7.45
CA ASN B 92 -12.03 -26.50 -6.64
C ASN B 92 -11.44 -26.19 -5.28
N ILE B 93 -11.19 -24.90 -5.01
CA ILE B 93 -10.44 -24.49 -3.82
C ILE B 93 -11.25 -24.69 -2.54
N SER B 94 -12.56 -24.87 -2.62
CA SER B 94 -13.32 -25.23 -1.43
C SER B 94 -13.04 -26.67 -0.97
N ASP B 95 -12.14 -27.38 -1.64
CA ASP B 95 -11.84 -28.77 -1.31
C ASP B 95 -10.40 -28.87 -0.85
N PRO B 96 -10.13 -29.14 0.44
CA PRO B 96 -8.76 -28.96 1.00
C PRO B 96 -7.67 -29.86 0.40
N LYS B 97 -7.84 -31.13 0.62
CA LYS B 97 -7.33 -32.17 -0.25
C LYS B 97 -7.12 -31.81 -1.74
N SER B 98 -8.06 -31.15 -2.43
CA SER B 98 -7.73 -30.79 -3.83
C SER B 98 -6.75 -29.63 -3.90
N VAL B 99 -6.80 -28.72 -2.93
CA VAL B 99 -5.86 -27.60 -2.88
C VAL B 99 -4.44 -28.12 -2.64
N GLU B 100 -4.29 -29.02 -1.67
CA GLU B 100 -2.96 -29.54 -1.34
C GLU B 100 -2.35 -30.29 -2.52
N GLU B 101 -3.17 -30.99 -3.30
CA GLU B 101 -2.66 -31.70 -4.46
C GLU B 101 -2.14 -30.73 -5.53
N THR B 102 -2.86 -29.62 -5.75
CA THR B 102 -2.45 -28.68 -6.78
C THR B 102 -1.17 -27.95 -6.41
N ILE B 103 -1.08 -27.47 -5.16
CA ILE B 103 0.11 -26.72 -4.77
C ILE B 103 1.35 -27.60 -4.80
N SER B 104 1.22 -28.85 -4.34
CA SER B 104 2.34 -29.78 -4.38
C SER B 104 2.78 -30.05 -5.80
N GLN B 105 1.82 -30.30 -6.71
CA GLN B 105 2.18 -30.50 -8.11
C GLN B 105 2.85 -29.26 -8.67
N GLN B 106 2.38 -28.08 -8.27
CA GLN B 106 3.03 -26.85 -8.72
C GLN B 106 4.46 -26.75 -8.20
N GLU B 107 4.71 -27.16 -6.95
CA GLU B 107 6.08 -27.07 -6.45
C GLU B 107 7.01 -27.90 -7.30
N LYS B 108 6.52 -29.06 -7.72
CA LYS B 108 7.34 -29.99 -8.50
C LYS B 108 7.56 -29.47 -9.93
N ASP B 109 6.52 -28.85 -10.51
CA ASP B 109 6.62 -28.39 -11.90
C ASP B 109 7.54 -27.19 -12.02
N PHE B 110 7.54 -26.29 -11.02
CA PHE B 110 8.36 -25.10 -11.05
C PHE B 110 9.57 -25.16 -10.14
N GLY B 111 9.65 -26.12 -9.22
CA GLY B 111 10.77 -26.19 -8.31
C GLY B 111 10.46 -25.57 -6.97
N THR B 112 9.75 -24.44 -6.96
CA THR B 112 9.41 -23.76 -5.72
C THR B 112 8.27 -22.79 -6.00
N ILE B 113 7.80 -22.15 -4.94
CA ILE B 113 6.81 -21.07 -4.99
C ILE B 113 7.33 -19.94 -4.14
N ASP B 114 7.52 -18.76 -4.74
CA ASP B 114 7.99 -17.59 -4.02
C ASP B 114 6.86 -16.63 -3.67
N VAL B 115 5.88 -16.47 -4.57
CA VAL B 115 4.77 -15.55 -4.39
C VAL B 115 3.47 -16.32 -4.56
N PHE B 116 2.54 -16.11 -3.64
CA PHE B 116 1.23 -16.73 -3.71
C PHE B 116 0.16 -15.67 -3.53
N VAL B 117 -0.82 -15.68 -4.42
CA VAL B 117 -1.97 -14.77 -4.32
C VAL B 117 -3.21 -15.64 -4.14
N ALA B 118 -3.85 -15.51 -2.98
CA ALA B 118 -5.10 -16.21 -2.68
C ALA B 118 -6.21 -15.27 -3.11
N ASN B 119 -6.80 -15.56 -4.28
CA ASN B 119 -7.65 -14.60 -4.95
C ASN B 119 -9.00 -15.17 -5.39
N ALA B 120 -9.15 -16.47 -5.58
CA ALA B 120 -10.42 -17.01 -6.03
C ALA B 120 -11.52 -16.77 -5.00
N GLY B 121 -12.71 -16.40 -5.47
CA GLY B 121 -13.82 -16.14 -4.59
C GLY B 121 -15.12 -15.99 -5.36
N VAL B 122 -16.22 -16.11 -4.62
CA VAL B 122 -17.56 -15.93 -5.19
C VAL B 122 -18.31 -14.86 -4.39
N PRO B 123 -19.20 -14.11 -5.01
CA PRO B 123 -19.96 -13.07 -4.30
C PRO B 123 -21.25 -13.62 -3.72
N TRP B 124 -21.87 -12.80 -2.85
CA TRP B 124 -23.23 -13.03 -2.39
C TRP B 124 -24.18 -12.22 -3.26
N THR B 125 -25.23 -12.87 -3.76
CA THR B 125 -26.13 -12.26 -4.73
C THR B 125 -27.61 -12.38 -4.34
N GLU B 126 -27.94 -12.73 -3.10
CA GLU B 126 -29.32 -12.98 -2.70
C GLU B 126 -29.97 -11.85 -1.88
N GLY B 127 -29.29 -10.73 -1.66
CA GLY B 127 -29.87 -9.65 -0.91
C GLY B 127 -29.88 -9.90 0.59
N PRO B 128 -30.85 -9.30 1.28
CA PRO B 128 -30.88 -9.40 2.75
C PRO B 128 -30.95 -10.85 3.22
N GLU B 129 -30.02 -11.21 4.10
CA GLU B 129 -29.92 -12.57 4.61
C GLU B 129 -31.17 -13.03 5.33
N ILE B 130 -31.97 -12.10 5.86
CA ILE B 130 -33.11 -12.48 6.68
C ILE B 130 -34.15 -13.25 5.87
N ASN B 131 -34.09 -13.17 4.54
CA ASN B 131 -35.05 -13.85 3.68
C ASN B 131 -34.49 -15.10 3.02
N VAL B 132 -33.26 -15.49 3.34
CA VAL B 132 -32.66 -16.70 2.79
C VAL B 132 -32.83 -17.80 3.83
N ASP B 133 -33.89 -18.61 3.65
CA ASP B 133 -34.17 -19.73 4.54
C ASP B 133 -32.95 -20.62 4.70
N ASN B 134 -32.45 -21.15 3.58
CA ASN B 134 -31.41 -22.17 3.58
C ASN B 134 -30.03 -21.55 3.82
N TYR B 135 -29.18 -22.29 4.54
CA TYR B 135 -27.84 -21.85 4.87
C TYR B 135 -26.78 -22.25 3.84
N ASP B 136 -27.16 -22.87 2.70
CA ASP B 136 -26.13 -23.25 1.74
C ASP B 136 -25.40 -22.03 1.18
N SER B 137 -26.11 -20.91 0.99
CA SER B 137 -25.45 -19.72 0.46
C SER B 137 -24.44 -19.16 1.44
N TRP B 138 -24.81 -19.07 2.72
CA TRP B 138 -23.85 -18.67 3.74
C TRP B 138 -22.65 -19.60 3.72
N ASN B 139 -22.90 -20.91 3.73
CA ASN B 139 -21.81 -21.88 3.80
C ASN B 139 -20.99 -21.89 2.52
N LYS B 140 -21.60 -21.65 1.36
CA LYS B 140 -20.84 -21.63 0.12
C LYS B 140 -19.80 -20.52 0.14
N ILE B 141 -20.14 -19.37 0.71
CA ILE B 141 -19.21 -18.25 0.71
C ILE B 141 -18.14 -18.42 1.78
N ILE B 142 -18.51 -18.90 2.97
CA ILE B 142 -17.52 -19.14 4.02
C ILE B 142 -16.49 -20.16 3.54
N ASN B 143 -16.95 -21.26 2.94
CA ASN B 143 -16.02 -22.31 2.53
C ASN B 143 -15.06 -21.84 1.44
N LEU B 144 -15.52 -21.03 0.49
CA LEU B 144 -14.59 -20.63 -0.54
C LEU B 144 -13.85 -19.33 -0.19
N ASP B 145 -14.58 -18.31 0.26
CA ASP B 145 -13.96 -17.01 0.51
C ASP B 145 -13.18 -16.94 1.83
N LEU B 146 -13.41 -17.87 2.76
CA LEU B 146 -12.61 -17.91 3.99
C LEU B 146 -11.85 -19.22 4.10
N ASN B 147 -12.54 -20.36 4.23
CA ASN B 147 -11.87 -21.64 4.39
C ASN B 147 -10.92 -21.92 3.23
N GLY B 148 -11.36 -21.66 2.00
CA GLY B 148 -10.51 -21.89 0.85
C GLY B 148 -9.21 -21.11 0.90
N VAL B 149 -9.30 -19.83 1.30
CA VAL B 149 -8.10 -19.02 1.45
C VAL B 149 -7.17 -19.63 2.49
N TYR B 150 -7.73 -20.12 3.59
CA TYR B 150 -6.89 -20.77 4.60
C TYR B 150 -6.27 -22.05 4.07
N TYR B 151 -7.01 -22.83 3.27
CA TYR B 151 -6.45 -24.06 2.74
C TYR B 151 -5.20 -23.78 1.92
N CYS B 152 -5.26 -22.79 1.03
CA CYS B 152 -4.08 -22.40 0.26
C CYS B 152 -2.98 -21.87 1.17
N ALA B 153 -3.33 -20.99 2.13
CA ALA B 153 -2.32 -20.40 2.99
C ALA B 153 -1.58 -21.46 3.79
N HIS B 154 -2.32 -22.31 4.52
CA HIS B 154 -1.69 -23.37 5.30
C HIS B 154 -0.76 -24.20 4.44
N THR B 155 -1.14 -24.45 3.19
CA THR B 155 -0.36 -25.34 2.33
C THR B 155 0.90 -24.67 1.81
N VAL B 156 0.78 -23.43 1.31
CA VAL B 156 1.95 -22.78 0.74
C VAL B 156 2.89 -22.26 1.83
N GLY B 157 2.37 -22.01 3.03
CA GLY B 157 3.24 -21.58 4.11
C GLY B 157 4.31 -22.59 4.45
N LYS B 158 4.01 -23.87 4.25
CA LYS B 158 4.98 -24.93 4.49
C LYS B 158 6.17 -24.80 3.54
N ILE B 159 5.88 -24.51 2.27
CA ILE B 159 6.91 -24.29 1.26
C ILE B 159 7.75 -23.07 1.63
N PHE B 160 7.08 -21.99 2.04
CA PHE B 160 7.80 -20.78 2.44
C PHE B 160 8.72 -21.07 3.62
N LYS B 161 8.25 -21.83 4.60
CA LYS B 161 9.07 -22.12 5.77
C LYS B 161 10.26 -22.99 5.41
N LYS B 162 10.05 -23.99 4.55
CA LYS B 162 11.14 -24.83 4.07
C LYS B 162 12.22 -23.99 3.39
N ASN B 163 11.82 -23.06 2.53
CA ASN B 163 12.75 -22.23 1.79
C ASN B 163 13.19 -20.99 2.55
N GLY B 164 12.48 -20.63 3.63
CA GLY B 164 12.85 -19.47 4.41
C GLY B 164 12.54 -18.15 3.78
N LYS B 165 11.67 -18.12 2.77
CA LYS B 165 11.35 -16.91 2.04
C LYS B 165 9.99 -17.08 1.36
N GLY B 166 9.28 -15.97 1.20
CA GLY B 166 8.02 -16.03 0.50
C GLY B 166 7.17 -14.81 0.79
N SER B 167 6.20 -14.58 -0.09
CA SER B 167 5.25 -13.48 0.07
C SER B 167 3.86 -14.01 -0.27
N LEU B 168 2.94 -13.93 0.68
CA LEU B 168 1.55 -14.29 0.45
C LEU B 168 0.76 -12.99 0.28
N VAL B 169 -0.02 -12.89 -0.79
CA VAL B 169 -0.93 -11.76 -0.96
C VAL B 169 -2.36 -12.31 -0.99
N ILE B 170 -3.21 -11.80 -0.11
CA ILE B 170 -4.61 -12.23 -0.05
C ILE B 170 -5.49 -11.16 -0.68
N THR B 171 -6.37 -11.57 -1.59
CA THR B 171 -7.36 -10.63 -2.11
C THR B 171 -8.50 -10.56 -1.10
N SER B 172 -8.58 -9.45 -0.39
CA SER B 172 -9.72 -9.21 0.47
C SER B 172 -10.75 -8.39 -0.30
N SER B 173 -11.28 -7.36 0.33
CA SER B 173 -12.29 -6.49 -0.28
C SER B 173 -12.49 -5.33 0.66
N MET B 174 -12.89 -4.18 0.10
CA MET B 174 -13.38 -3.13 0.97
C MET B 174 -14.58 -3.62 1.78
N SER B 175 -15.25 -4.69 1.31
CA SER B 175 -16.32 -5.32 2.09
C SER B 175 -15.82 -5.91 3.41
N GLY B 176 -14.51 -6.08 3.58
CA GLY B 176 -13.99 -6.47 4.88
C GLY B 176 -13.85 -5.33 5.86
N THR B 177 -13.94 -4.09 5.38
CA THR B 177 -13.81 -2.88 6.18
C THR B 177 -15.12 -2.14 6.36
N ILE B 178 -15.98 -2.14 5.34
CA ILE B 178 -17.26 -1.46 5.35
C ILE B 178 -18.38 -2.42 5.02
N VAL B 179 -19.62 -1.91 5.04
CA VAL B 179 -20.81 -2.65 4.65
C VAL B 179 -21.30 -2.08 3.33
N ASN B 180 -21.36 -2.91 2.29
CA ASN B 180 -21.82 -2.45 0.99
C ASN B 180 -23.31 -2.12 1.02
N VAL B 181 -23.69 -1.07 0.30
CA VAL B 181 -25.09 -0.68 0.11
C VAL B 181 -25.29 -0.23 -1.32
N PRO B 182 -26.51 -0.44 -1.86
CA PRO B 182 -27.68 -1.02 -1.23
C PRO B 182 -27.77 -2.54 -1.35
N GLN B 183 -26.84 -3.19 -2.05
CA GLN B 183 -26.86 -4.64 -2.14
C GLN B 183 -26.31 -5.20 -0.83
N LEU B 184 -27.14 -5.96 -0.11
CA LEU B 184 -26.79 -6.41 1.22
C LEU B 184 -26.13 -7.78 1.15
N GLN B 185 -24.94 -7.88 1.74
CA GLN B 185 -23.97 -8.95 1.46
C GLN B 185 -23.32 -9.48 2.74
N ALA B 186 -24.12 -9.72 3.79
CA ALA B 186 -23.55 -9.97 5.12
C ALA B 186 -22.51 -11.10 5.12
N ALA B 187 -22.85 -12.24 4.52
CA ALA B 187 -21.93 -13.38 4.52
C ALA B 187 -20.60 -13.04 3.86
N TYR B 188 -20.65 -12.29 2.76
CA TYR B 188 -19.43 -11.93 2.04
C TYR B 188 -18.60 -10.95 2.84
N ASN B 189 -19.26 -9.91 3.39
CA ASN B 189 -18.56 -8.95 4.23
C ASN B 189 -17.85 -9.64 5.38
N ALA B 190 -18.52 -10.60 6.03
CA ALA B 190 -17.92 -11.31 7.16
C ALA B 190 -16.72 -12.14 6.73
N ALA B 191 -16.82 -12.82 5.60
CA ALA B 191 -15.71 -13.65 5.14
C ALA B 191 -14.50 -12.79 4.77
N LYS B 192 -14.73 -11.61 4.20
CA LYS B 192 -13.63 -10.75 3.81
C LYS B 192 -12.97 -10.09 5.01
N ALA B 193 -13.74 -9.79 6.06
CA ALA B 193 -13.15 -9.28 7.28
C ALA B 193 -12.27 -10.33 7.95
N ALA B 194 -12.72 -11.59 7.94
CA ALA B 194 -11.89 -12.67 8.42
C ALA B 194 -10.62 -12.80 7.59
N CYS B 195 -10.73 -12.60 6.28
CA CYS B 195 -9.55 -12.65 5.42
C CYS B 195 -8.54 -11.57 5.82
N THR B 196 -9.03 -10.33 6.02
CA THR B 196 -8.15 -9.24 6.38
C THR B 196 -7.46 -9.51 7.71
N HIS B 197 -8.17 -10.08 8.69
CA HIS B 197 -7.53 -10.33 9.97
C HIS B 197 -6.71 -11.61 9.95
N LEU B 198 -7.09 -12.60 9.13
CA LEU B 198 -6.22 -13.72 8.86
C LEU B 198 -4.88 -13.27 8.30
N THR B 199 -4.91 -12.25 7.45
CA THR B 199 -3.68 -11.66 6.93
C THR B 199 -2.77 -11.20 8.07
N LYS B 200 -3.31 -10.45 9.02
CA LYS B 200 -2.51 -9.97 10.15
C LYS B 200 -2.06 -11.11 11.06
N SER B 201 -2.93 -12.10 11.30
CA SER B 201 -2.56 -13.21 12.18
C SER B 201 -1.43 -14.03 11.60
N LEU B 202 -1.49 -14.29 10.29
CA LEU B 202 -0.46 -15.10 9.64
C LEU B 202 0.83 -14.33 9.45
N ALA B 203 0.75 -13.00 9.35
CA ALA B 203 1.97 -12.19 9.29
C ALA B 203 2.80 -12.39 10.55
N VAL B 204 2.14 -12.45 11.70
CA VAL B 204 2.86 -12.69 12.96
C VAL B 204 3.42 -14.10 12.99
N GLU B 205 2.59 -15.11 12.66
CA GLU B 205 3.03 -16.49 12.75
C GLU B 205 4.13 -16.81 11.74
N TRP B 206 4.05 -16.25 10.53
CA TRP B 206 4.99 -16.57 9.46
C TRP B 206 6.21 -15.67 9.43
N ALA B 207 6.31 -14.72 10.36
CA ALA B 207 7.34 -13.69 10.26
C ALA B 207 8.78 -14.21 10.17
N PRO B 208 9.15 -15.38 10.70
CA PRO B 208 10.53 -15.85 10.50
C PRO B 208 10.83 -16.22 9.07
N PHE B 209 9.83 -16.40 8.21
CA PHE B 209 10.10 -16.92 6.87
C PHE B 209 9.26 -16.34 5.75
N ALA B 210 8.26 -15.49 6.03
CA ALA B 210 7.42 -15.01 4.95
C ALA B 210 6.68 -13.76 5.40
N ARG B 211 6.23 -12.99 4.40
CA ARG B 211 5.38 -11.84 4.62
C ARG B 211 3.96 -12.18 4.15
N VAL B 212 2.98 -11.55 4.80
CA VAL B 212 1.58 -11.78 4.47
C VAL B 212 0.89 -10.43 4.46
N ASN B 213 0.33 -10.06 3.32
CA ASN B 213 -0.36 -8.78 3.17
C ASN B 213 -1.63 -9.03 2.39
N CYS B 214 -2.52 -8.04 2.35
CA CYS B 214 -3.74 -8.21 1.60
C CYS B 214 -4.09 -6.92 0.87
N VAL B 215 -4.80 -7.07 -0.25
CA VAL B 215 -5.33 -5.97 -1.03
C VAL B 215 -6.85 -5.98 -0.87
N SER B 216 -7.43 -4.80 -0.62
CA SER B 216 -8.88 -4.67 -0.48
C SER B 216 -9.41 -3.81 -1.62
N PRO B 217 -9.75 -4.40 -2.76
CA PRO B 217 -10.26 -3.59 -3.87
C PRO B 217 -11.67 -3.10 -3.59
N GLY B 218 -12.01 -1.98 -4.22
CA GLY B 218 -13.37 -1.51 -4.21
C GLY B 218 -14.12 -2.10 -5.38
N TYR B 219 -14.98 -1.31 -6.00
CA TYR B 219 -15.75 -1.76 -7.16
C TYR B 219 -14.87 -1.73 -8.39
N ILE B 220 -14.63 -2.91 -8.99
CA ILE B 220 -13.82 -3.04 -10.20
C ILE B 220 -14.73 -3.46 -11.34
N ALA B 221 -14.69 -2.70 -12.43
CA ALA B 221 -15.66 -2.82 -13.53
C ALA B 221 -15.55 -4.14 -14.29
N VAL B 228 -27.51 -6.19 -14.01
CA VAL B 228 -26.84 -5.55 -12.89
C VAL B 228 -27.21 -4.05 -12.96
N GLU B 229 -28.16 -3.67 -12.13
CA GLU B 229 -29.09 -2.60 -12.47
C GLU B 229 -28.46 -1.20 -12.36
N LYS B 230 -28.70 -0.38 -13.40
CA LYS B 230 -28.09 0.94 -13.56
C LYS B 230 -28.12 1.75 -12.28
N ASP B 231 -29.31 1.86 -11.69
CA ASP B 231 -29.53 2.74 -10.55
C ASP B 231 -28.73 2.30 -9.33
N MET B 232 -28.19 1.08 -9.33
CA MET B 232 -27.39 0.62 -8.19
C MET B 232 -25.94 1.09 -8.31
N LYS B 233 -25.27 0.79 -9.43
CA LYS B 233 -24.04 1.50 -9.82
C LYS B 233 -24.09 2.99 -9.64
N ALA B 234 -25.19 3.61 -10.06
CA ALA B 234 -25.29 5.05 -9.89
C ALA B 234 -25.01 5.44 -8.45
N LYS B 235 -25.57 4.67 -7.50
CA LYS B 235 -25.32 4.94 -6.09
C LYS B 235 -23.90 4.59 -5.70
N TRP B 236 -23.31 3.55 -6.30
CA TRP B 236 -21.89 3.28 -6.07
C TRP B 236 -21.04 4.47 -6.50
N TRP B 237 -21.30 4.99 -7.70
CA TRP B 237 -20.52 6.13 -8.20
C TRP B 237 -20.68 7.34 -7.29
N GLN B 238 -21.90 7.59 -6.80
CA GLN B 238 -22.16 8.76 -5.98
C GLN B 238 -21.44 8.70 -4.65
N LEU B 239 -21.14 7.48 -4.15
CA LEU B 239 -20.49 7.29 -2.86
C LEU B 239 -18.99 7.07 -2.97
N THR B 240 -18.46 7.02 -4.19
CA THR B 240 -17.04 6.80 -4.40
C THR B 240 -16.37 8.15 -4.61
N PRO B 241 -15.43 8.56 -3.74
CA PRO B 241 -14.77 9.85 -3.93
C PRO B 241 -14.25 10.09 -5.34
N LEU B 242 -13.70 9.08 -6.02
CA LEU B 242 -13.19 9.30 -7.36
C LEU B 242 -14.28 9.31 -8.43
N GLY B 243 -15.50 8.88 -8.10
CA GLY B 243 -16.63 9.04 -9.00
C GLY B 243 -16.75 8.01 -10.08
N ARG B 244 -16.10 6.86 -9.94
CA ARG B 244 -16.12 5.85 -10.99
C ARG B 244 -15.70 4.52 -10.39
N GLU B 245 -15.98 3.45 -11.14
CA GLU B 245 -15.45 2.15 -10.77
C GLU B 245 -13.99 2.04 -11.20
N GLY B 246 -13.29 1.08 -10.61
CA GLY B 246 -11.91 0.84 -10.96
C GLY B 246 -11.77 -0.12 -12.14
N LEU B 247 -10.55 -0.15 -12.69
CA LEU B 247 -10.18 -1.12 -13.69
C LEU B 247 -9.24 -2.15 -13.08
N ALA B 248 -9.20 -3.34 -13.68
CA ALA B 248 -8.30 -4.39 -13.20
C ALA B 248 -6.86 -3.91 -13.24
N GLN B 249 -6.50 -3.10 -14.25
CA GLN B 249 -5.13 -2.63 -14.38
C GLN B 249 -4.74 -1.64 -13.29
N GLU B 250 -5.70 -1.05 -12.58
CA GLU B 250 -5.38 -0.15 -11.49
C GLU B 250 -5.08 -0.89 -10.18
N LEU B 251 -5.09 -2.23 -10.21
CA LEU B 251 -4.76 -3.03 -9.04
C LEU B 251 -3.38 -3.64 -9.09
N VAL B 252 -2.78 -3.78 -10.28
CA VAL B 252 -1.62 -4.64 -10.42
C VAL B 252 -0.39 -4.03 -9.74
N GLY B 253 -0.32 -2.71 -9.65
CA GLY B 253 0.79 -2.10 -8.94
C GLY B 253 0.80 -2.46 -7.47
N ALA B 254 -0.38 -2.52 -6.86
CA ALA B 254 -0.50 -2.95 -5.47
C ALA B 254 -0.02 -4.38 -5.30
N TYR B 255 -0.48 -5.28 -6.17
CA TYR B 255 -0.06 -6.68 -6.05
C TYR B 255 1.41 -6.86 -6.35
N LEU B 256 1.96 -6.06 -7.28
CA LEU B 256 3.39 -6.16 -7.57
C LEU B 256 4.21 -5.62 -6.40
N TYR B 257 3.77 -4.53 -5.78
CA TYR B 257 4.47 -3.97 -4.63
C TYR B 257 4.58 -5.00 -3.51
N LEU B 258 3.46 -5.65 -3.17
CA LEU B 258 3.43 -6.57 -2.04
C LEU B 258 4.17 -7.87 -2.36
N ALA B 259 4.20 -8.26 -3.63
CA ALA B 259 4.85 -9.51 -4.01
C ALA B 259 6.37 -9.39 -4.11
N SER B 260 6.88 -8.18 -4.35
CA SER B 260 8.29 -8.00 -4.69
C SER B 260 9.08 -7.51 -3.49
N ASN B 261 10.40 -7.40 -3.68
CA ASN B 261 11.32 -6.85 -2.69
C ASN B 261 11.09 -5.38 -2.40
N ALA B 262 10.09 -4.76 -3.02
CA ALA B 262 9.77 -3.36 -2.72
C ALA B 262 9.12 -3.20 -1.36
N SER B 263 8.61 -4.28 -0.78
CA SER B 263 7.83 -4.22 0.46
C SER B 263 8.42 -5.14 1.53
N THR B 264 9.75 -5.18 1.66
CA THR B 264 10.37 -6.14 2.59
C THR B 264 10.15 -5.79 4.06
N TYR B 265 9.71 -4.57 4.39
CA TYR B 265 9.32 -4.26 5.76
C TYR B 265 7.81 -4.21 5.93
N THR B 266 7.05 -4.58 4.90
CA THR B 266 5.60 -4.50 4.88
C THR B 266 5.03 -5.90 5.11
N THR B 267 4.36 -6.08 6.25
CA THR B 267 3.69 -7.34 6.50
C THR B 267 2.51 -7.08 7.42
N GLY B 268 1.46 -7.89 7.27
CA GLY B 268 0.24 -7.65 7.98
C GLY B 268 -0.53 -6.42 7.54
N ALA B 269 -0.18 -5.85 6.38
CA ALA B 269 -0.79 -4.60 5.92
C ALA B 269 -2.00 -4.90 5.03
N ASN B 270 -2.97 -4.00 5.10
CA ASN B 270 -4.14 -4.01 4.23
C ASN B 270 -4.08 -2.78 3.32
N LEU B 271 -3.95 -3.04 2.02
CA LEU B 271 -3.80 -1.99 1.03
C LEU B 271 -5.13 -1.73 0.33
N ALA B 272 -5.74 -0.58 0.64
CA ALA B 272 -7.05 -0.24 0.09
C ALA B 272 -6.89 0.36 -1.29
N VAL B 273 -7.50 -0.29 -2.29
CA VAL B 273 -7.55 0.24 -3.65
C VAL B 273 -9.01 0.33 -4.04
N ASP B 274 -9.69 1.39 -3.57
CA ASP B 274 -11.14 1.44 -3.64
C ASP B 274 -11.67 2.81 -4.06
N GLY B 275 -10.85 3.65 -4.66
CA GLY B 275 -11.31 4.96 -5.09
C GLY B 275 -11.73 5.85 -3.95
N GLY B 276 -11.29 5.55 -2.74
CA GLY B 276 -11.63 6.31 -1.55
C GLY B 276 -12.92 5.92 -0.88
N TYR B 277 -13.55 4.80 -1.29
CA TYR B 277 -14.90 4.49 -0.82
C TYR B 277 -14.95 4.31 0.68
N THR B 278 -13.88 3.80 1.29
CA THR B 278 -13.86 3.60 2.73
C THR B 278 -13.69 4.89 3.52
N CYS B 279 -13.50 6.04 2.87
CA CYS B 279 -13.31 7.26 3.64
C CYS B 279 -14.59 7.99 4.05
N PRO B 280 -15.62 8.12 3.17
CA PRO B 280 -16.82 8.85 3.63
C PRO B 280 -17.39 8.33 4.94
PA NDP C . 14.97 13.14 10.36
O1A NDP C . 16.12 12.36 9.96
O2A NDP C . 15.29 13.88 11.63
O5B NDP C . 14.60 14.24 9.16
C5B NDP C . 13.65 15.24 9.51
C4B NDP C . 13.61 16.29 8.42
O4B NDP C . 12.53 17.43 8.88
C3B NDP C . 14.75 16.85 8.27
O3B NDP C . 15.09 16.89 6.83
C2B NDP C . 14.56 18.34 8.78
O2B NDP C . 15.29 19.21 7.99
C1B NDP C . 13.09 18.57 8.54
N9A NDP C . 12.59 19.70 9.40
C8A NDP C . 12.78 19.59 10.71
N7A NDP C . 12.25 20.71 11.25
C5A NDP C . 11.75 21.47 10.26
C6A NDP C . 11.12 22.66 10.26
N6A NDP C . 10.67 23.70 11.17
N1A NDP C . 10.72 23.19 9.13
C2A NDP C . 10.95 22.54 7.94
N3A NDP C . 11.56 21.37 7.94
C4A NDP C . 11.96 20.84 9.09
O3 NDP C . 13.64 12.13 10.64
PN NDP C . 13.00 11.13 9.50
O1N NDP C . 13.59 11.45 8.12
O2N NDP C . 13.29 9.72 9.86
O5D NDP C . 11.35 11.31 9.55
C5D NDP C . 10.62 11.95 8.51
C4D NDP C . 9.12 11.84 8.93
O4D NDP C . 8.73 10.34 9.24
C3D NDP C . 8.88 12.47 10.00
O3D NDP C . 7.68 13.23 9.81
C2D NDP C . 8.65 11.33 11.22
O2D NDP C . 7.86 11.93 12.27
C1D NDP C . 7.98 10.45 10.60
N1N NDP C . 7.92 9.09 11.21
C2N NDP C . 8.30 8.75 12.52
C3N NDP C . 7.74 7.51 13.20
C7N NDP C . 7.82 7.24 14.71
O7N NDP C . 8.28 8.05 15.46
N7N NDP C . 7.31 5.98 15.21
C4N NDP C . 7.26 6.33 12.35
C5N NDP C . 7.46 6.62 10.81
C6N NDP C . 7.42 8.05 10.33
P2B NDP C . 16.74 19.83 8.58
O1X NDP C . 16.48 20.86 9.71
O2X NDP C . 17.50 20.51 7.43
O3X NDP C . 17.55 18.70 9.10
PA NDP D . -14.36 -13.19 -11.34
O1A NDP D . -14.10 -12.58 -12.62
O2A NDP D . -15.67 -13.94 -11.35
O5B NDP D . -13.13 -14.25 -10.98
C5B NDP D . -13.46 -15.30 -10.11
C4B NDP D . -12.33 -16.31 -10.14
O4B NDP D . -12.53 -17.30 -8.86
C3B NDP D . -12.41 -17.03 -11.22
O3B NDP D . -11.05 -17.28 -11.74
C2B NDP D . -13.05 -18.40 -10.75
O2B NDP D . -12.62 -19.45 -11.52
C1B NDP D . -12.47 -18.52 -9.37
N9A NDP D . -13.26 -19.52 -8.57
C8A NDP D . -14.55 -19.26 -8.40
N7A NDP D . -15.04 -20.31 -7.68
C5A NDP D . -14.01 -21.15 -7.42
C6A NDP D . -13.92 -22.32 -6.74
N6A NDP D . -14.76 -23.26 -5.99
N1A NDP D . -12.78 -22.94 -6.66
C2A NDP D . -11.66 -22.42 -7.23
N3A NDP D . -11.73 -21.27 -7.89
C4A NDP D . -12.90 -20.65 -7.99
O3 NDP D . -14.44 -12.02 -10.14
PN NDP D . -13.21 -11.03 -9.71
O1N NDP D . -11.99 -11.22 -10.64
O2N NDP D . -13.69 -9.62 -9.78
O5D NDP D . -12.80 -11.34 -8.13
C5D NDP D . -11.80 -12.28 -7.77
C4D NDP D . -11.45 -11.97 -6.28
O4D NDP D . -11.41 -10.42 -6.00
C3D NDP D . -12.32 -12.42 -5.48
O3D NDP D . -11.68 -12.73 -4.23
C2D NDP D . -13.38 -11.15 -5.20
O2D NDP D . -14.22 -11.47 -4.06
C1D NDP D . -12.55 -10.21 -4.97
N1N NDP D . -13.12 -8.86 -5.13
C2N NDP D . -13.71 -8.46 -6.35
C3N NDP D . -14.42 -7.12 -6.47
C7N NDP D . -14.94 -6.63 -7.82
O7N NDP D . -15.58 -5.63 -7.86
N7N NDP D . -14.65 -7.35 -9.05
C4N NDP D . -14.39 -6.09 -5.32
C5N NDP D . -13.62 -6.57 -4.03
C6N NDP D . -13.01 -7.96 -3.98
P2B NDP D . -13.50 -19.99 -12.84
O1X NDP D . -14.63 -20.95 -12.36
O2X NDP D . -12.55 -20.74 -13.77
O3X NDP D . -14.10 -18.82 -13.53
#